data_1XZB
#
_entry.id   1XZB
#
_cell.length_a   35.120
_cell.length_b   67.360
_cell.length_c   37.050
_cell.angle_alpha   90.00
_cell.angle_beta   93.90
_cell.angle_gamma   90.00
#
_symmetry.space_group_name_H-M   'P 1 21 1'
#
loop_
_entity.id
_entity.type
_entity.pdbx_description
1 polymer CUTINASE
2 non-polymer 'MERCURY ACETATE ION'
3 water water
#
_entity_poly.entity_id   1
_entity_poly.type   'polypeptide(L)'
_entity_poly.pdbx_seq_one_letter_code
;LPTSNPAQELEARQLERTTRDDLINGNSASCADVIFIYARGSTETGNLGTLGPSIASNLESAFGKDGVWIQGVGGAYRAT
LGDNALPRGTSSAAIREMLGLFQQANTKCPDATLIAGGYSQGAALAAACIEDLDSAIRDKIAGTVLFGYTKNLQNRGRIP
NYPADRTKVFCNTGDLVCTGSLIVAAPHLAYGPDARGPAPEFLIEKVRAVRGSA
;
_entity_poly.pdbx_strand_id   A
#
loop_
_chem_comp.id
_chem_comp.type
_chem_comp.name
_chem_comp.formula
MAC non-polymer 'MERCURY ACETATE ION' 'C2 H3 Hg O2 1'
#
# COMPACT_ATOMS: atom_id res chain seq x y z
N ARG A 17 6.10 1.92 -14.99
CA ARG A 17 4.78 2.38 -15.36
C ARG A 17 3.85 1.46 -14.60
N THR A 18 2.83 0.73 -15.10
CA THR A 18 1.93 0.03 -14.22
C THR A 18 2.35 -1.29 -13.60
N THR A 19 3.50 -1.86 -13.99
CA THR A 19 4.00 -3.07 -13.36
C THR A 19 5.39 -2.74 -12.85
N ARG A 20 5.59 -3.08 -11.59
CA ARG A 20 6.86 -2.89 -10.94
C ARG A 20 7.04 -4.07 -10.03
N ASP A 21 8.19 -4.72 -10.24
CA ASP A 21 8.56 -5.88 -9.46
C ASP A 21 9.99 -5.72 -8.96
N ASP A 22 10.30 -4.56 -8.37
CA ASP A 22 11.67 -4.30 -7.96
C ASP A 22 12.18 -5.17 -6.83
N LEU A 23 11.31 -5.57 -5.88
CA LEU A 23 11.71 -6.46 -4.80
C LEU A 23 12.00 -7.87 -5.30
N ILE A 24 11.09 -8.41 -6.14
CA ILE A 24 11.26 -9.77 -6.67
C ILE A 24 12.54 -9.83 -7.54
N ASN A 25 12.72 -8.79 -8.35
CA ASN A 25 13.83 -8.73 -9.28
C ASN A 25 15.13 -8.29 -8.66
N GLY A 26 15.09 -7.64 -7.50
CA GLY A 26 16.27 -7.01 -6.92
C GLY A 26 17.35 -7.92 -6.35
N ASN A 27 18.62 -7.50 -6.49
CA ASN A 27 19.73 -8.28 -5.96
C ASN A 27 19.89 -8.06 -4.50
N SER A 28 19.95 -9.17 -3.77
CA SER A 28 20.09 -9.22 -2.31
C SER A 28 21.34 -8.48 -1.85
N ALA A 29 22.40 -8.56 -2.66
CA ALA A 29 23.65 -7.91 -2.35
C ALA A 29 23.63 -6.39 -2.52
N SER A 30 22.61 -5.82 -3.13
CA SER A 30 22.52 -4.38 -3.22
C SER A 30 21.08 -3.97 -2.93
N CYS A 31 20.70 -4.23 -1.69
CA CYS A 31 19.36 -3.88 -1.25
C CYS A 31 19.12 -2.39 -1.26
N ALA A 32 17.94 -1.95 -1.68
CA ALA A 32 17.56 -0.55 -1.54
C ALA A 32 17.37 -0.25 -0.06
N ASP A 33 17.42 1.01 0.35
CA ASP A 33 17.19 1.40 1.73
C ASP A 33 15.73 1.45 2.10
N VAL A 34 14.85 1.66 1.12
CA VAL A 34 13.41 1.83 1.33
C VAL A 34 12.71 0.88 0.35
N ILE A 35 11.71 0.13 0.82
CA ILE A 35 10.96 -0.76 -0.04
C ILE A 35 9.49 -0.40 0.17
N PHE A 36 8.84 -0.09 -0.96
CA PHE A 36 7.45 0.31 -1.03
C PHE A 36 6.62 -0.80 -1.65
N ILE A 37 5.62 -1.32 -0.93
CA ILE A 37 4.78 -2.40 -1.44
C ILE A 37 3.37 -1.85 -1.54
N TYR A 38 2.78 -1.93 -2.74
CA TYR A 38 1.51 -1.27 -3.01
C TYR A 38 0.50 -2.22 -3.65
N ALA A 39 -0.77 -2.16 -3.21
CA ALA A 39 -1.86 -2.94 -3.83
C ALA A 39 -2.91 -2.05 -4.55
N ARG A 40 -3.19 -2.37 -5.81
CA ARG A 40 -4.09 -1.58 -6.64
C ARG A 40 -5.60 -1.82 -6.35
N GLY A 41 -6.43 -0.99 -6.97
CA GLY A 41 -7.87 -1.05 -6.81
C GLY A 41 -8.51 -2.09 -7.73
N SER A 42 -9.83 -2.29 -7.60
CA SER A 42 -10.50 -3.31 -8.36
C SER A 42 -10.44 -3.04 -9.86
N THR A 43 -10.17 -4.10 -10.63
CA THR A 43 -10.12 -4.09 -12.07
C THR A 43 -8.97 -3.26 -12.63
N GLU A 44 -8.01 -2.76 -11.83
CA GLU A 44 -6.92 -1.98 -12.39
C GLU A 44 -5.82 -2.87 -12.99
N THR A 45 -5.01 -2.28 -13.87
CA THR A 45 -4.02 -3.04 -14.61
C THR A 45 -2.66 -3.10 -13.95
N GLY A 46 -1.83 -4.00 -14.47
CA GLY A 46 -0.49 -4.24 -13.92
C GLY A 46 -0.63 -4.62 -12.46
N ASN A 47 0.33 -4.18 -11.66
CA ASN A 47 0.22 -4.42 -10.25
C ASN A 47 0.28 -3.10 -9.48
N LEU A 48 0.28 -1.98 -10.20
CA LEU A 48 0.22 -0.67 -9.56
C LEU A 48 -1.05 0.11 -9.90
N GLY A 49 -1.75 -0.20 -11.01
CA GLY A 49 -2.97 0.51 -11.34
C GLY A 49 -2.81 2.00 -11.67
N THR A 50 -3.83 2.82 -11.36
CA THR A 50 -3.81 4.21 -11.73
C THR A 50 -3.09 5.12 -10.76
N LEU A 51 -3.00 4.79 -9.46
CA LEU A 51 -2.36 5.68 -8.51
C LEU A 51 -0.91 5.35 -8.17
N GLY A 52 -0.57 4.05 -8.17
CA GLY A 52 0.78 3.59 -7.81
C GLY A 52 1.92 4.27 -8.56
N PRO A 53 1.89 4.46 -9.88
CA PRO A 53 2.97 5.08 -10.66
C PRO A 53 3.31 6.50 -10.22
N SER A 54 2.30 7.31 -9.87
CA SER A 54 2.48 8.65 -9.33
C SER A 54 3.20 8.66 -8.00
N ILE A 55 2.84 7.74 -7.11
CA ILE A 55 3.53 7.66 -5.85
C ILE A 55 4.97 7.22 -6.11
N ALA A 56 5.17 6.20 -6.97
CA ALA A 56 6.49 5.68 -7.29
C ALA A 56 7.45 6.71 -7.85
N SER A 57 7.02 7.55 -8.80
CA SER A 57 7.90 8.57 -9.35
C SER A 57 8.34 9.56 -8.30
N ASN A 58 7.48 9.91 -7.35
CA ASN A 58 7.89 10.86 -6.34
C ASN A 58 8.78 10.24 -5.28
N LEU A 59 8.67 8.94 -5.02
CA LEU A 59 9.56 8.33 -4.04
C LEU A 59 10.93 8.22 -4.68
N GLU A 60 11.00 7.92 -5.98
CA GLU A 60 12.28 7.85 -6.69
C GLU A 60 12.95 9.21 -6.73
N SER A 61 12.21 10.29 -6.94
CA SER A 61 12.79 11.62 -6.81
C SER A 61 13.44 11.85 -5.46
N ALA A 62 12.82 11.34 -4.41
CA ALA A 62 13.32 11.58 -3.06
C ALA A 62 14.51 10.73 -2.67
N PHE A 63 14.47 9.44 -2.95
CA PHE A 63 15.54 8.58 -2.46
C PHE A 63 16.45 8.10 -3.58
N GLY A 64 16.16 8.48 -4.82
CA GLY A 64 16.94 8.07 -5.97
C GLY A 64 16.49 6.70 -6.45
N LYS A 65 16.67 6.42 -7.76
CA LYS A 65 16.27 5.14 -8.33
C LYS A 65 16.82 3.94 -7.60
N ASP A 66 18.11 3.93 -7.25
CA ASP A 66 18.69 2.80 -6.55
C ASP A 66 18.33 2.81 -5.07
N GLY A 67 17.72 3.87 -4.57
CA GLY A 67 17.48 4.00 -3.15
C GLY A 67 16.16 3.41 -2.72
N VAL A 68 15.22 3.22 -3.64
CA VAL A 68 13.91 2.71 -3.29
C VAL A 68 13.46 1.66 -4.29
N TRP A 69 12.95 0.54 -3.77
CA TRP A 69 12.37 -0.49 -4.62
C TRP A 69 10.85 -0.36 -4.54
N ILE A 70 10.19 -0.39 -5.69
CA ILE A 70 8.73 -0.27 -5.85
C ILE A 70 8.24 -1.66 -6.23
N GLN A 71 7.32 -2.22 -5.46
CA GLN A 71 6.79 -3.55 -5.70
C GLN A 71 5.26 -3.56 -5.61
N GLY A 72 4.56 -3.90 -6.69
CA GLY A 72 3.13 -4.02 -6.60
C GLY A 72 2.75 -5.43 -6.20
N VAL A 73 1.51 -5.61 -5.74
CA VAL A 73 1.04 -6.91 -5.33
C VAL A 73 0.35 -7.48 -6.55
N GLY A 74 1.01 -8.45 -7.16
CA GLY A 74 0.50 -9.10 -8.36
C GLY A 74 0.12 -10.52 -7.98
N GLY A 75 0.55 -11.49 -8.82
CA GLY A 75 0.39 -12.91 -8.51
C GLY A 75 -1.05 -13.29 -8.35
N ALA A 76 -1.42 -13.78 -7.17
CA ALA A 76 -2.80 -14.22 -6.92
C ALA A 76 -3.76 -13.07 -6.72
N TYR A 77 -3.27 -11.84 -6.50
CA TYR A 77 -4.22 -10.74 -6.30
C TYR A 77 -4.72 -10.34 -7.69
N ARG A 78 -5.92 -10.79 -8.01
CA ARG A 78 -6.57 -10.47 -9.27
C ARG A 78 -7.39 -9.19 -9.24
N ALA A 79 -7.56 -8.58 -8.07
CA ALA A 79 -8.34 -7.35 -7.90
C ALA A 79 -9.74 -7.47 -8.52
N THR A 80 -10.41 -8.59 -8.22
CA THR A 80 -11.76 -8.82 -8.70
C THR A 80 -12.77 -8.00 -7.90
N LEU A 81 -13.62 -7.22 -8.60
CA LEU A 81 -14.56 -6.32 -7.93
C LEU A 81 -15.46 -7.01 -6.91
N GLY A 82 -15.96 -8.19 -7.24
CA GLY A 82 -16.85 -8.96 -6.39
C GLY A 82 -16.23 -9.34 -5.05
N ASP A 83 -14.88 -9.45 -4.95
CA ASP A 83 -14.25 -9.82 -3.71
C ASP A 83 -14.29 -8.73 -2.66
N ASN A 84 -14.74 -7.52 -3.04
CA ASN A 84 -14.96 -6.46 -2.06
C ASN A 84 -16.03 -6.88 -1.05
N ALA A 85 -16.86 -7.83 -1.45
CA ALA A 85 -17.93 -8.29 -0.59
C ALA A 85 -17.53 -9.40 0.36
N LEU A 86 -16.33 -9.95 0.26
CA LEU A 86 -15.91 -11.00 1.18
C LEU A 86 -15.61 -10.43 2.56
N PRO A 87 -15.58 -11.22 3.67
CA PRO A 87 -15.32 -10.77 5.03
C PRO A 87 -14.26 -9.70 5.22
N ARG A 88 -13.06 -9.88 4.69
CA ARG A 88 -12.01 -8.92 4.92
C ARG A 88 -11.95 -7.84 3.84
N GLY A 89 -12.90 -7.85 2.90
CA GLY A 89 -12.91 -6.88 1.83
C GLY A 89 -12.00 -7.28 0.67
N THR A 90 -11.47 -8.50 0.69
CA THR A 90 -10.69 -9.04 -0.41
C THR A 90 -10.63 -10.55 -0.15
N SER A 91 -9.93 -11.32 -0.98
CA SER A 91 -9.89 -12.76 -0.82
C SER A 91 -8.74 -13.18 0.07
N SER A 92 -8.79 -14.42 0.58
CA SER A 92 -7.71 -14.92 1.41
C SER A 92 -6.46 -15.10 0.59
N ALA A 93 -6.58 -15.50 -0.68
CA ALA A 93 -5.43 -15.66 -1.57
C ALA A 93 -4.68 -14.36 -1.80
N ALA A 94 -5.38 -13.25 -1.92
CA ALA A 94 -4.73 -11.97 -2.10
C ALA A 94 -3.94 -11.57 -0.85
N ILE A 95 -4.50 -11.79 0.33
CA ILE A 95 -3.83 -11.46 1.60
C ILE A 95 -2.54 -12.29 1.73
N ARG A 96 -2.61 -13.58 1.40
CA ARG A 96 -1.44 -14.46 1.41
C ARG A 96 -0.36 -13.96 0.45
N GLU A 97 -0.73 -13.44 -0.71
CA GLU A 97 0.21 -12.90 -1.67
C GLU A 97 0.91 -11.68 -1.09
N MET A 98 0.19 -10.74 -0.48
CA MET A 98 0.85 -9.59 0.07
C MET A 98 1.68 -9.97 1.29
N LEU A 99 1.28 -10.90 2.17
CA LEU A 99 2.19 -11.19 3.26
C LEU A 99 3.44 -11.86 2.75
N GLY A 100 3.30 -12.67 1.69
CA GLY A 100 4.50 -13.31 1.16
C GLY A 100 5.52 -12.29 0.66
N LEU A 101 5.05 -11.14 0.15
CA LEU A 101 5.96 -10.11 -0.34
C LEU A 101 6.63 -9.44 0.84
N PHE A 102 5.88 -9.26 1.95
CA PHE A 102 6.49 -8.67 3.15
C PHE A 102 7.51 -9.63 3.77
N GLN A 103 7.25 -10.93 3.74
CA GLN A 103 8.22 -11.89 4.24
C GLN A 103 9.43 -11.90 3.32
N GLN A 104 9.30 -11.76 1.99
CA GLN A 104 10.46 -11.67 1.10
C GLN A 104 11.25 -10.41 1.35
N ALA A 105 10.61 -9.28 1.65
CA ALA A 105 11.33 -8.05 1.91
C ALA A 105 12.17 -8.18 3.17
N ASN A 106 11.56 -8.78 4.19
CA ASN A 106 12.21 -8.95 5.46
C ASN A 106 13.39 -9.90 5.35
N THR A 107 13.33 -10.94 4.52
CA THR A 107 14.45 -11.86 4.32
C THR A 107 15.53 -11.31 3.39
N LYS A 108 15.16 -10.84 2.22
CA LYS A 108 16.07 -10.26 1.26
C LYS A 108 16.82 -9.04 1.80
N CYS A 109 16.16 -8.12 2.48
CA CYS A 109 16.79 -6.87 2.87
C CYS A 109 16.42 -6.53 4.29
N PRO A 110 16.98 -7.19 5.30
CA PRO A 110 16.54 -6.99 6.67
C PRO A 110 16.78 -5.57 7.20
N ASP A 111 17.64 -4.72 6.64
CA ASP A 111 17.80 -3.36 7.16
C ASP A 111 16.99 -2.29 6.46
N ALA A 112 16.22 -2.66 5.45
CA ALA A 112 15.44 -1.69 4.70
C ALA A 112 14.26 -1.19 5.51
N THR A 113 13.90 0.09 5.37
CA THR A 113 12.70 0.61 5.97
C THR A 113 11.55 0.30 5.02
N LEU A 114 10.40 -0.16 5.51
CA LEU A 114 9.31 -0.50 4.62
C LEU A 114 8.24 0.58 4.67
N ILE A 115 7.53 0.78 3.57
CA ILE A 115 6.39 1.68 3.50
C ILE A 115 5.39 1.01 2.58
N ALA A 116 4.13 1.42 2.69
CA ALA A 116 3.14 0.65 1.98
C ALA A 116 1.89 1.43 1.69
N GLY A 117 1.00 0.90 0.83
CA GLY A 117 -0.18 1.64 0.47
C GLY A 117 -1.16 0.77 -0.30
N GLY A 118 -2.39 1.24 -0.49
CA GLY A 118 -3.38 0.49 -1.22
C GLY A 118 -4.54 1.41 -1.56
N TYR A 119 -5.22 1.10 -2.66
CA TYR A 119 -6.35 1.89 -3.11
C TYR A 119 -7.55 0.97 -3.14
N SER A 120 -8.69 1.37 -2.55
CA SER A 120 -9.95 0.68 -2.71
C SER A 120 -9.84 -0.76 -2.19
N GLN A 121 -10.05 -1.81 -3.01
CA GLN A 121 -9.87 -3.19 -2.55
C GLN A 121 -8.43 -3.38 -2.08
N GLY A 122 -7.47 -2.72 -2.71
CA GLY A 122 -6.08 -2.80 -2.31
C GLY A 122 -5.85 -2.17 -0.94
N ALA A 123 -6.67 -1.22 -0.48
CA ALA A 123 -6.54 -0.63 0.86
C ALA A 123 -7.05 -1.63 1.91
N ALA A 124 -8.14 -2.35 1.59
CA ALA A 124 -8.62 -3.38 2.50
C ALA A 124 -7.57 -4.50 2.56
N LEU A 125 -6.98 -4.89 1.41
CA LEU A 125 -5.93 -5.91 1.39
C LEU A 125 -4.73 -5.48 2.24
N ALA A 126 -4.27 -4.25 2.07
CA ALA A 126 -3.19 -3.70 2.85
C ALA A 126 -3.47 -3.79 4.37
N ALA A 127 -4.65 -3.37 4.81
CA ALA A 127 -5.03 -3.40 6.22
C ALA A 127 -5.16 -4.80 6.73
N ALA A 128 -5.69 -5.74 5.94
CA ALA A 128 -5.87 -7.11 6.40
C ALA A 128 -4.54 -7.81 6.56
N CYS A 129 -3.61 -7.54 5.64
CA CYS A 129 -2.27 -8.11 5.69
C CYS A 129 -1.52 -7.55 6.91
N ILE A 130 -1.62 -6.23 7.19
CA ILE A 130 -0.89 -5.64 8.32
C ILE A 130 -1.44 -6.24 9.60
N GLU A 131 -2.77 -6.41 9.68
CA GLU A 131 -3.35 -7.02 10.86
C GLU A 131 -2.81 -8.44 11.10
N ASP A 132 -2.52 -9.20 10.06
CA ASP A 132 -2.04 -10.56 10.25
C ASP A 132 -0.56 -10.72 10.31
N LEU A 133 0.19 -9.69 9.96
CA LEU A 133 1.63 -9.76 9.94
C LEU A 133 2.28 -10.00 11.29
N ASP A 134 3.40 -10.74 11.25
CA ASP A 134 4.24 -10.91 12.42
C ASP A 134 4.64 -9.50 12.83
N SER A 135 4.58 -9.20 14.11
CA SER A 135 4.88 -7.86 14.61
C SER A 135 6.29 -7.37 14.30
N ALA A 136 7.33 -8.20 14.26
CA ALA A 136 8.65 -7.69 13.92
C ALA A 136 8.69 -7.15 12.50
N ILE A 137 7.90 -7.74 11.58
CA ILE A 137 7.85 -7.20 10.23
C ILE A 137 6.91 -6.00 10.19
N ARG A 138 5.73 -6.08 10.80
CA ARG A 138 4.79 -4.97 10.82
C ARG A 138 5.44 -3.71 11.36
N ASP A 139 6.28 -3.84 12.39
CA ASP A 139 6.91 -2.69 12.99
C ASP A 139 7.97 -2.03 12.18
N LYS A 140 8.39 -2.67 11.08
CA LYS A 140 9.32 -2.06 10.14
C LYS A 140 8.58 -1.19 9.12
N ILE A 141 7.24 -1.25 9.06
CA ILE A 141 6.53 -0.40 8.12
C ILE A 141 6.40 0.99 8.76
N ALA A 142 7.22 1.91 8.27
CA ALA A 142 7.27 3.25 8.84
C ALA A 142 6.03 4.10 8.53
N GLY A 143 5.28 3.81 7.45
CA GLY A 143 4.09 4.59 7.15
C GLY A 143 3.29 3.86 6.10
N THR A 144 1.97 4.06 6.16
CA THR A 144 1.07 3.43 5.20
C THR A 144 0.06 4.47 4.73
N VAL A 145 -0.26 4.49 3.43
CA VAL A 145 -1.30 5.38 2.95
C VAL A 145 -2.39 4.54 2.32
N LEU A 146 -3.64 4.92 2.59
CA LEU A 146 -4.80 4.17 2.13
C LEU A 146 -5.70 5.14 1.41
N PHE A 147 -6.13 4.87 0.19
CA PHE A 147 -7.00 5.80 -0.55
C PHE A 147 -8.32 5.07 -0.73
N GLY A 148 -9.48 5.75 -0.57
CA GLY A 148 -10.78 5.11 -0.78
C GLY A 148 -10.87 3.81 0.02
N TYR A 149 -10.52 3.91 1.32
CA TYR A 149 -10.42 2.77 2.20
C TYR A 149 -11.80 2.16 2.43
N THR A 150 -12.06 0.96 1.89
CA THR A 150 -13.37 0.31 1.95
C THR A 150 -13.78 -0.13 3.34
N LYS A 151 -12.82 -0.27 4.24
CA LYS A 151 -13.15 -0.58 5.62
C LYS A 151 -12.96 0.63 6.55
N ASN A 152 -13.02 1.85 6.02
CA ASN A 152 -12.82 3.05 6.83
C ASN A 152 -13.83 3.17 7.97
N LEU A 153 -15.12 2.99 7.72
CA LEU A 153 -16.06 3.12 8.82
C LEU A 153 -15.93 1.97 9.83
N GLN A 154 -15.86 0.76 9.30
CA GLN A 154 -15.84 -0.44 10.12
C GLN A 154 -14.63 -0.52 11.04
N ASN A 155 -13.49 -0.02 10.57
CA ASN A 155 -12.29 0.02 11.38
C ASN A 155 -12.06 1.38 12.00
N ARG A 156 -13.01 2.33 11.90
CA ARG A 156 -12.88 3.66 12.48
C ARG A 156 -11.60 4.41 12.11
N GLY A 157 -11.29 4.31 10.81
CA GLY A 157 -10.16 4.99 10.19
C GLY A 157 -8.80 4.45 10.59
N ARG A 158 -8.72 3.25 11.16
CA ARG A 158 -7.48 2.72 11.63
C ARG A 158 -7.16 1.47 10.87
N ILE A 159 -5.91 1.04 10.99
CA ILE A 159 -5.51 -0.29 10.56
C ILE A 159 -5.33 -1.08 11.86
N PRO A 160 -5.98 -2.23 12.06
CA PRO A 160 -5.88 -3.03 13.28
C PRO A 160 -4.43 -3.34 13.60
N ASN A 161 -4.04 -3.15 14.86
CA ASN A 161 -2.69 -3.44 15.36
C ASN A 161 -1.61 -2.53 14.83
N TYR A 162 -1.93 -1.37 14.27
CA TYR A 162 -0.89 -0.54 13.67
C TYR A 162 -1.10 0.89 14.12
N PRO A 163 -0.06 1.65 14.49
CA PRO A 163 -0.23 2.96 15.12
C PRO A 163 -0.92 4.01 14.25
N ALA A 164 -1.76 4.86 14.85
CA ALA A 164 -2.43 5.94 14.11
C ALA A 164 -1.46 6.97 13.52
N ASP A 165 -0.32 7.22 14.19
CA ASP A 165 0.60 8.21 13.67
C ASP A 165 1.32 7.74 12.42
N ARG A 166 1.31 6.44 12.12
CA ARG A 166 1.95 5.95 10.91
C ARG A 166 0.92 5.67 9.82
N THR A 167 -0.35 6.00 10.05
CA THR A 167 -1.40 5.74 9.08
C THR A 167 -1.88 7.06 8.47
N LYS A 168 -2.08 7.15 7.15
CA LYS A 168 -2.79 8.30 6.62
C LYS A 168 -3.87 7.78 5.67
N VAL A 169 -5.12 8.21 5.85
CA VAL A 169 -6.25 7.69 5.09
C VAL A 169 -6.73 8.90 4.26
N PHE A 170 -6.95 8.66 2.96
CA PHE A 170 -7.50 9.65 2.06
C PHE A 170 -8.87 9.09 1.70
N CYS A 171 -9.91 9.76 2.21
CA CYS A 171 -11.28 9.37 1.97
C CYS A 171 -12.01 10.65 1.60
N ASN A 172 -12.40 10.74 0.34
CA ASN A 172 -13.10 11.91 -0.19
C ASN A 172 -14.52 11.99 0.31
N THR A 173 -15.02 13.22 0.53
CA THR A 173 -16.44 13.44 0.86
C THR A 173 -17.24 12.93 -0.34
N GLY A 174 -18.24 12.08 -0.15
CA GLY A 174 -19.03 11.57 -1.25
C GLY A 174 -18.53 10.22 -1.74
N ASP A 175 -17.39 9.75 -1.23
CA ASP A 175 -16.89 8.44 -1.63
C ASP A 175 -17.57 7.49 -0.65
N LEU A 176 -18.63 6.86 -1.12
CA LEU A 176 -19.48 6.00 -0.32
C LEU A 176 -18.77 4.78 0.29
N VAL A 177 -17.64 4.32 -0.26
CA VAL A 177 -16.96 3.18 0.36
C VAL A 177 -16.30 3.56 1.68
N CYS A 178 -16.10 4.86 1.95
CA CYS A 178 -15.51 5.30 3.21
C CYS A 178 -16.54 5.40 4.32
N THR A 179 -17.81 5.27 3.94
CA THR A 179 -18.90 5.48 4.86
C THR A 179 -19.75 4.19 4.94
N GLY A 180 -19.09 3.03 4.73
CA GLY A 180 -19.68 1.72 4.94
C GLY A 180 -20.46 1.10 3.80
N SER A 181 -20.39 1.66 2.58
CA SER A 181 -21.10 1.12 1.43
C SER A 181 -20.10 0.51 0.45
N LEU A 182 -20.57 -0.21 -0.57
CA LEU A 182 -19.69 -0.69 -1.62
C LEU A 182 -20.09 -0.10 -2.97
N ILE A 183 -20.89 0.98 -2.93
CA ILE A 183 -21.28 1.71 -4.13
C ILE A 183 -20.09 2.53 -4.61
N VAL A 184 -19.80 2.48 -5.90
CA VAL A 184 -18.73 3.27 -6.49
C VAL A 184 -19.31 4.51 -7.13
N ALA A 185 -19.00 5.65 -6.53
CA ALA A 185 -19.49 6.95 -6.99
C ALA A 185 -18.28 7.74 -7.52
N ALA A 186 -18.46 8.82 -8.27
CA ALA A 186 -17.35 9.60 -8.82
C ALA A 186 -16.25 10.04 -7.85
N PRO A 187 -16.46 10.44 -6.58
CA PRO A 187 -15.37 10.82 -5.69
C PRO A 187 -14.42 9.63 -5.42
N HIS A 188 -14.84 8.38 -5.63
CA HIS A 188 -13.94 7.25 -5.45
C HIS A 188 -12.85 7.24 -6.49
N LEU A 189 -13.07 7.89 -7.64
CA LEU A 189 -12.11 7.91 -8.73
C LEU A 189 -11.32 9.20 -8.75
N ALA A 190 -11.33 9.97 -7.65
CA ALA A 190 -10.74 11.28 -7.63
C ALA A 190 -9.56 11.40 -6.68
N TYR A 191 -8.71 10.39 -6.60
CA TYR A 191 -7.56 10.44 -5.71
C TYR A 191 -6.23 10.82 -6.36
N GLY A 192 -6.25 11.09 -7.67
CA GLY A 192 -5.06 11.48 -8.42
C GLY A 192 -4.24 12.59 -7.79
N PRO A 193 -4.78 13.76 -7.42
CA PRO A 193 -4.03 14.81 -6.72
C PRO A 193 -3.39 14.32 -5.43
N ASP A 194 -4.07 13.49 -4.64
CA ASP A 194 -3.49 12.97 -3.41
C ASP A 194 -2.31 12.07 -3.66
N ALA A 195 -2.42 11.21 -4.68
CA ALA A 195 -1.31 10.31 -5.02
C ALA A 195 -0.10 11.09 -5.54
N ARG A 196 -0.32 12.28 -6.14
CA ARG A 196 0.75 13.14 -6.65
C ARG A 196 1.48 13.98 -5.60
N GLY A 197 0.84 14.28 -4.47
CA GLY A 197 1.42 15.21 -3.51
C GLY A 197 1.38 14.71 -2.09
N PRO A 198 0.26 14.84 -1.37
CA PRO A 198 0.18 14.53 0.04
C PRO A 198 0.57 13.10 0.43
N ALA A 199 0.20 12.09 -0.38
CA ALA A 199 0.53 10.71 -0.01
C ALA A 199 2.03 10.46 -0.11
N PRO A 200 2.79 10.78 -1.18
CA PRO A 200 4.25 10.62 -1.16
C PRO A 200 4.88 11.54 -0.13
N GLU A 201 4.34 12.75 0.06
CA GLU A 201 4.88 13.63 1.08
C GLU A 201 4.85 12.97 2.46
N PHE A 202 3.72 12.32 2.81
CA PHE A 202 3.57 11.62 4.09
C PHE A 202 4.56 10.47 4.19
N LEU A 203 4.65 9.62 3.15
CA LEU A 203 5.58 8.49 3.18
C LEU A 203 7.07 8.89 3.32
N ILE A 204 7.50 9.92 2.61
CA ILE A 204 8.88 10.39 2.67
C ILE A 204 9.14 10.91 4.06
N GLU A 205 8.21 11.71 4.61
CA GLU A 205 8.38 12.25 5.94
C GLU A 205 8.51 11.14 7.00
N LYS A 206 7.72 10.07 6.91
CA LYS A 206 7.78 8.98 7.88
C LYS A 206 9.07 8.18 7.75
N VAL A 207 9.58 8.00 6.54
CA VAL A 207 10.86 7.33 6.32
C VAL A 207 11.97 8.21 6.91
N ARG A 208 12.00 9.51 6.65
CA ARG A 208 13.07 10.36 7.19
C ARG A 208 12.97 10.46 8.70
N ALA A 209 11.77 10.30 9.30
CA ALA A 209 11.62 10.38 10.75
C ALA A 209 12.46 9.30 11.41
N VAL A 210 12.49 8.12 10.82
CA VAL A 210 13.25 7.03 11.41
C VAL A 210 14.63 6.86 10.82
N ARG A 211 14.89 7.28 9.59
CA ARG A 211 16.20 7.13 9.01
C ARG A 211 17.08 8.33 9.14
N GLY A 212 16.52 9.49 9.45
CA GLY A 212 17.23 10.75 9.41
C GLY A 212 17.30 11.07 7.92
N SER A 213 18.33 11.77 7.49
CA SER A 213 18.53 12.02 6.09
C SER A 213 19.99 12.40 5.89
HG MAC B . 0.42 -5.33 4.21
C1 MAC B . 0.28 -2.53 3.81
O1 MAC B . -0.52 -3.21 4.39
O2 MAC B . 1.23 -3.03 3.30
C2 MAC B . -0.02 -1.05 3.63
HG MAC C . -0.10 -10.57 5.88
C1 MAC C . -0.66 -13.49 5.37
O1 MAC C . -0.49 -13.05 6.62
O2 MAC C . -0.63 -12.69 4.48
C2 MAC C . -0.85 -14.94 5.25
#